data_5X55
#
_entry.id   5X55
#
_cell.length_a   96.267
_cell.length_b   95.618
_cell.length_c   132.380
_cell.angle_alpha   90.00
_cell.angle_beta   90.00
_cell.angle_gamma   90.00
#
_symmetry.space_group_name_H-M   'C 2 2 21'
#
loop_
_entity.id
_entity.type
_entity.pdbx_description
1 polymer 'Probable uracil-DNA glycosylase'
2 water water
#
_entity_poly.entity_id   1
_entity_poly.type   'polypeptide(L)'
_entity_poly.pdbx_seq_one_letter_code
;MSKKNVDPFSDSDSSSEPPSIFSSDNEENSDVDNSVIINDKNTKSDEADIKYMDEDESSDSESESESKKKSKKSKKSKKS
KKSVTKKKNNLLVGNRIITEYILIDANNYHFKSWIECFPDCKVNLKLLLFRPEWFDFFKYVESKTYFPQLESKLSSYLEK
RQRIVPYPELLFNTMNVLPPGKIKVVILGQDPYPGSCISGVPYAMGCSFSVPLNCPVPKSLANIYTNLIKFNHMRKAPKH
GCLASWILQGTFMINSAFTTVLNESGVHARTWESFTADLIDYLTDNYDDLIFVAWGAHAHKLCQRVDPKKHYIITSSHPS
PYSVSNTMTSMSYGPNPKKVTYPSFNSVDHFGKINEHLKSRNKKPIFWDL
;
_entity_poly.pdbx_strand_id   A,B
#
# COMPACT_ATOMS: atom_id res chain seq x y z
N ASN A 95 -4.33 11.57 -32.42
CA ASN A 95 -3.72 12.76 -33.03
C ASN A 95 -2.19 12.69 -33.04
N ARG A 96 -1.63 11.81 -32.20
CA ARG A 96 -0.18 11.65 -32.07
C ARG A 96 0.25 10.25 -32.50
N ILE A 97 1.56 10.13 -32.74
CA ILE A 97 2.24 8.84 -32.90
C ILE A 97 2.99 8.54 -31.62
N ILE A 98 3.60 7.36 -31.52
CA ILE A 98 4.02 6.83 -30.23
C ILE A 98 5.20 7.63 -29.66
N THR A 99 6.12 8.08 -30.51
CA THR A 99 7.26 8.83 -30.01
C THR A 99 6.84 10.14 -29.33
N GLU A 100 5.66 10.66 -29.67
CA GLU A 100 5.24 11.92 -29.05
C GLU A 100 4.86 11.71 -27.59
N TYR A 101 4.39 10.52 -27.24
CA TYR A 101 4.06 10.17 -25.86
C TYR A 101 5.26 9.63 -25.08
N ILE A 102 6.12 8.85 -25.72
CA ILE A 102 7.11 8.15 -24.92
C ILE A 102 8.45 8.90 -24.94
N LEU A 103 8.75 9.61 -26.03
CA LEU A 103 9.99 10.36 -26.11
C LEU A 103 9.70 11.85 -25.86
N ILE A 104 9.66 12.20 -24.58
CA ILE A 104 9.13 13.48 -24.12
C ILE A 104 10.25 14.47 -23.87
N ASP A 105 10.06 15.71 -24.30
CA ASP A 105 11.01 16.80 -24.05
C ASP A 105 10.38 17.77 -23.06
N ALA A 106 11.02 17.95 -21.91
CA ALA A 106 10.48 18.88 -20.91
C ALA A 106 10.39 20.31 -21.44
N ASN A 107 11.29 20.71 -22.35
CA ASN A 107 11.24 22.03 -22.95
C ASN A 107 10.11 22.18 -23.98
N ASN A 108 9.46 21.09 -24.38
CA ASN A 108 8.40 21.14 -25.39
C ASN A 108 7.25 20.23 -24.96
N TYR A 109 6.65 20.60 -23.83
CA TYR A 109 5.75 19.74 -23.07
C TYR A 109 4.35 20.34 -23.15
N HIS A 110 3.47 19.71 -23.94
CA HIS A 110 2.16 20.30 -24.20
C HIS A 110 1.01 19.42 -23.74
N PHE A 111 1.29 18.46 -22.85
CA PHE A 111 0.22 17.61 -22.35
C PHE A 111 -0.68 18.41 -21.42
N LYS A 112 -1.98 18.15 -21.51
CA LYS A 112 -2.92 18.81 -20.62
C LYS A 112 -2.90 18.16 -19.23
N SER A 113 -3.17 18.97 -18.21
CA SER A 113 -3.32 18.45 -16.86
C SER A 113 -4.68 17.78 -16.69
N TRP A 114 -4.89 17.18 -15.52
CA TRP A 114 -6.15 16.51 -15.25
C TRP A 114 -7.34 17.45 -15.33
N ILE A 115 -7.24 18.63 -14.71
CA ILE A 115 -8.37 19.56 -14.72
C ILE A 115 -8.60 20.15 -16.12
N GLU A 116 -7.60 20.09 -17.00
CA GLU A 116 -7.84 20.51 -18.38
C GLU A 116 -8.55 19.43 -19.20
N CYS A 117 -8.14 18.15 -19.05
CA CYS A 117 -8.81 17.05 -19.75
C CYS A 117 -10.21 16.79 -19.24
N PHE A 118 -10.47 17.07 -17.97
CA PHE A 118 -11.78 16.81 -17.37
C PHE A 118 -12.21 18.07 -16.62
N PRO A 119 -12.62 19.11 -17.34
CA PRO A 119 -12.95 20.38 -16.68
C PRO A 119 -14.00 20.22 -15.59
N ASP A 120 -14.90 19.26 -15.73
CA ASP A 120 -15.99 19.04 -14.79
C ASP A 120 -15.79 17.79 -13.96
N CYS A 121 -14.54 17.31 -13.88
CA CYS A 121 -14.13 16.21 -13.01
C CYS A 121 -14.80 14.89 -13.38
N LYS A 122 -15.14 14.73 -14.65
CA LYS A 122 -15.81 13.51 -15.14
C LYS A 122 -14.77 12.47 -15.58
N VAL A 123 -14.00 11.98 -14.61
CA VAL A 123 -12.85 11.13 -14.92
C VAL A 123 -13.31 9.89 -15.67
N ASN A 124 -12.65 9.61 -16.80
CA ASN A 124 -13.01 8.51 -17.66
C ASN A 124 -11.71 7.86 -18.11
N LEU A 125 -11.26 6.86 -17.35
CA LEU A 125 -9.95 6.25 -17.59
C LEU A 125 -9.87 5.56 -18.96
N LYS A 126 -10.98 4.98 -19.43
CA LYS A 126 -10.97 4.30 -20.72
C LYS A 126 -10.50 5.19 -21.86
N LEU A 127 -10.86 6.49 -21.83
CA LEU A 127 -10.44 7.44 -22.85
C LEU A 127 -8.94 7.74 -22.83
N LEU A 128 -8.23 7.31 -21.79
CA LEU A 128 -6.79 7.49 -21.69
C LEU A 128 -6.02 6.29 -22.25
N LEU A 129 -6.72 5.29 -22.76
CA LEU A 129 -6.10 4.08 -23.29
C LEU A 129 -6.26 4.06 -24.81
N PHE A 130 -5.17 4.37 -25.53
CA PHE A 130 -5.19 4.53 -26.99
C PHE A 130 -4.79 3.26 -27.75
N ARG A 131 -4.47 2.17 -27.06
CA ARG A 131 -3.97 0.97 -27.73
C ARG A 131 -5.03 -0.13 -27.69
N PRO A 132 -5.61 -0.49 -28.84
CA PRO A 132 -6.79 -1.39 -28.85
C PRO A 132 -6.54 -2.77 -28.27
N GLU A 133 -5.33 -3.30 -28.37
CA GLU A 133 -5.02 -4.62 -27.82
C GLU A 133 -5.25 -4.72 -26.30
N TRP A 134 -5.46 -3.59 -25.60
CA TRP A 134 -5.73 -3.64 -24.17
C TRP A 134 -7.23 -3.55 -23.85
N PHE A 135 -8.07 -3.29 -24.85
CA PHE A 135 -9.49 -3.05 -24.56
C PHE A 135 -10.12 -4.27 -23.88
N ASP A 136 -9.72 -5.48 -24.29
CA ASP A 136 -10.24 -6.68 -23.63
C ASP A 136 -9.90 -6.67 -22.15
N PHE A 137 -8.63 -6.42 -21.82
CA PHE A 137 -8.30 -6.31 -20.40
C PHE A 137 -9.14 -5.22 -19.75
N PHE A 138 -9.27 -4.08 -20.43
CA PHE A 138 -10.01 -3.00 -19.80
C PHE A 138 -11.48 -3.35 -19.64
N LYS A 139 -12.03 -4.12 -20.58
CA LYS A 139 -13.42 -4.55 -20.45
C LYS A 139 -13.59 -5.45 -19.23
N TYR A 140 -12.57 -6.27 -18.93
CA TYR A 140 -12.63 -7.09 -17.72
C TYR A 140 -12.56 -6.23 -16.46
N VAL A 141 -11.78 -5.15 -16.50
CA VAL A 141 -11.58 -4.39 -15.28
C VAL A 141 -12.79 -3.53 -14.95
N GLU A 142 -13.45 -2.96 -15.96
CA GLU A 142 -14.63 -2.12 -15.68
C GLU A 142 -15.79 -2.93 -15.13
N SER A 143 -15.82 -4.24 -15.35
CA SER A 143 -16.89 -5.06 -14.81
C SER A 143 -16.73 -5.36 -13.33
N LYS A 144 -15.58 -5.04 -12.74
CA LYS A 144 -15.32 -5.29 -11.31
C LYS A 144 -15.98 -4.20 -10.47
N THR A 145 -16.30 -4.54 -9.21
CA THR A 145 -16.99 -3.55 -8.39
C THR A 145 -16.06 -2.44 -7.92
N TYR A 146 -14.75 -2.70 -7.82
CA TYR A 146 -13.85 -1.62 -7.40
C TYR A 146 -13.72 -0.50 -8.45
N PHE A 147 -13.97 -0.79 -9.73
CA PHE A 147 -13.61 0.19 -10.76
C PHE A 147 -14.37 1.50 -10.67
N PRO A 148 -15.71 1.51 -10.50
CA PRO A 148 -16.37 2.80 -10.23
C PRO A 148 -15.82 3.49 -9.01
N GLN A 149 -15.41 2.74 -7.98
CA GLN A 149 -14.80 3.39 -6.82
C GLN A 149 -13.52 4.11 -7.22
N LEU A 150 -12.70 3.48 -8.08
CA LEU A 150 -11.46 4.10 -8.53
C LEU A 150 -11.75 5.40 -9.27
N GLU A 151 -12.66 5.36 -10.24
CA GLU A 151 -12.98 6.60 -10.95
C GLU A 151 -13.61 7.64 -10.03
N SER A 152 -14.32 7.19 -8.99
CA SER A 152 -14.90 8.10 -8.00
C SER A 152 -13.81 8.81 -7.21
N LYS A 153 -12.81 8.05 -6.74
CA LYS A 153 -11.74 8.66 -5.96
C LYS A 153 -10.93 9.65 -6.80
N LEU A 154 -10.61 9.27 -8.05
CA LEU A 154 -9.89 10.21 -8.90
C LEU A 154 -10.72 11.47 -9.15
N SER A 155 -12.04 11.31 -9.37
CA SER A 155 -12.88 12.49 -9.57
C SER A 155 -12.89 13.36 -8.33
N SER A 156 -12.89 12.74 -7.14
CA SER A 156 -12.86 13.52 -5.91
C SER A 156 -11.54 14.26 -5.74
N TYR A 157 -10.41 13.67 -6.17
CA TYR A 157 -9.16 14.43 -6.15
C TYR A 157 -9.23 15.63 -7.08
N LEU A 158 -9.87 15.48 -8.24
CA LEU A 158 -10.01 16.64 -9.12
C LEU A 158 -10.92 17.71 -8.53
N GLU A 159 -11.96 17.30 -7.79
CA GLU A 159 -12.85 18.27 -7.14
C GLU A 159 -12.12 19.10 -6.09
N LYS A 160 -11.15 18.53 -5.41
CA LYS A 160 -10.32 19.28 -4.47
C LYS A 160 -9.15 19.98 -5.14
N ARG A 161 -9.07 19.96 -6.48
CA ARG A 161 -8.03 20.65 -7.24
C ARG A 161 -6.63 20.14 -6.95
N GLN A 162 -6.47 18.84 -6.64
CA GLN A 162 -5.14 18.27 -6.45
C GLN A 162 -4.45 18.08 -7.79
N ARG A 163 -3.14 18.36 -7.83
CA ARG A 163 -2.36 18.26 -9.07
C ARG A 163 -1.85 16.83 -9.23
N ILE A 164 -2.74 15.97 -9.73
CA ILE A 164 -2.39 14.58 -9.99
C ILE A 164 -1.32 14.51 -11.07
N VAL A 165 -0.32 13.65 -10.85
CA VAL A 165 0.73 13.35 -11.83
C VAL A 165 0.79 11.83 -11.94
N PRO A 166 1.15 11.26 -13.10
CA PRO A 166 1.39 11.97 -14.36
C PRO A 166 0.10 12.50 -14.97
N TYR A 167 0.19 13.37 -15.98
CA TYR A 167 -0.97 13.90 -16.67
C TYR A 167 -1.70 12.77 -17.40
N PRO A 168 -3.00 12.95 -17.67
CA PRO A 168 -3.81 11.81 -18.10
C PRO A 168 -3.44 11.26 -19.46
N GLU A 169 -2.92 12.09 -20.38
CA GLU A 169 -2.48 11.53 -21.64
C GLU A 169 -1.21 10.70 -21.48
N LEU A 170 -0.55 10.76 -20.32
CA LEU A 170 0.60 9.91 -20.02
C LEU A 170 0.28 8.81 -19.02
N LEU A 171 -0.93 8.78 -18.46
CA LEU A 171 -1.27 7.87 -17.38
C LEU A 171 -0.97 6.41 -17.73
N PHE A 172 -1.34 5.99 -18.92
CA PHE A 172 -1.19 4.60 -19.35
C PHE A 172 -0.10 4.47 -20.42
N ASN A 173 0.92 5.31 -20.32
CA ASN A 173 1.95 5.45 -21.35
C ASN A 173 2.56 4.12 -21.77
N THR A 174 3.01 3.32 -20.81
CA THR A 174 3.66 2.06 -21.15
C THR A 174 2.71 1.12 -21.88
N MET A 175 1.44 1.11 -21.49
CA MET A 175 0.44 0.28 -22.17
C MET A 175 0.13 0.82 -23.57
N ASN A 176 0.18 2.13 -23.74
CA ASN A 176 -0.07 2.69 -25.06
C ASN A 176 1.09 2.41 -26.00
N VAL A 177 2.30 2.28 -25.47
CA VAL A 177 3.40 1.84 -26.32
C VAL A 177 3.32 0.34 -26.60
N LEU A 178 3.04 -0.47 -25.59
CA LEU A 178 3.21 -1.93 -25.68
C LEU A 178 1.91 -2.69 -25.57
N PRO A 179 1.41 -3.29 -26.64
CA PRO A 179 0.34 -4.27 -26.48
C PRO A 179 0.79 -5.41 -25.61
N PRO A 180 -0.12 -6.05 -24.87
CA PRO A 180 0.29 -7.11 -23.94
C PRO A 180 1.07 -8.24 -24.60
N GLY A 181 0.73 -8.59 -25.84
CA GLY A 181 1.42 -9.65 -26.55
C GLY A 181 2.86 -9.35 -26.90
N LYS A 182 3.30 -8.11 -26.71
CA LYS A 182 4.65 -7.73 -27.02
C LYS A 182 5.49 -7.49 -25.79
N ILE A 183 4.91 -7.64 -24.60
CA ILE A 183 5.68 -7.53 -23.37
C ILE A 183 6.65 -8.70 -23.28
N LYS A 184 7.93 -8.40 -23.00
CA LYS A 184 8.92 -9.42 -22.66
C LYS A 184 9.39 -9.36 -21.21
N VAL A 185 9.47 -8.17 -20.62
CA VAL A 185 10.00 -7.95 -19.29
C VAL A 185 9.07 -6.97 -18.61
N VAL A 186 8.73 -7.24 -17.35
CA VAL A 186 7.89 -6.37 -16.53
C VAL A 186 8.76 -5.86 -15.41
N ILE A 187 8.96 -4.53 -15.36
CA ILE A 187 9.73 -3.89 -14.29
C ILE A 187 8.79 -2.98 -13.50
N LEU A 188 8.47 -3.38 -12.28
CA LEU A 188 7.57 -2.61 -11.43
C LEU A 188 8.31 -1.51 -10.67
N GLY A 189 7.78 -0.29 -10.76
CA GLY A 189 8.06 0.72 -9.78
C GLY A 189 6.96 0.74 -8.71
N GLN A 190 7.16 1.60 -7.73
CA GLN A 190 6.18 1.71 -6.67
C GLN A 190 5.28 2.91 -6.95
N ASP A 191 5.70 4.12 -6.59
CA ASP A 191 4.93 5.32 -6.87
C ASP A 191 5.60 6.17 -7.95
N PRO A 192 4.84 6.99 -8.68
CA PRO A 192 5.47 7.89 -9.66
C PRO A 192 6.31 8.94 -8.94
N TYR A 193 7.27 9.50 -9.68
CA TYR A 193 8.07 10.58 -9.13
C TYR A 193 7.15 11.73 -8.74
N PRO A 194 7.32 12.30 -7.53
CA PRO A 194 6.48 13.45 -7.14
C PRO A 194 7.02 14.79 -7.62
N GLY A 195 8.28 14.84 -8.04
CA GLY A 195 8.95 16.10 -8.32
C GLY A 195 8.63 16.67 -9.68
N SER A 196 9.13 17.88 -9.91
CA SER A 196 8.93 18.57 -11.19
C SER A 196 10.13 19.45 -11.48
N CYS A 197 10.26 19.85 -12.75
CA CYS A 197 11.24 20.86 -13.16
C CYS A 197 10.86 22.22 -12.59
N ILE A 198 11.78 23.18 -12.75
CA ILE A 198 11.54 24.59 -12.40
C ILE A 198 10.24 25.10 -13.00
N SER A 199 9.88 24.62 -14.19
CA SER A 199 8.79 25.16 -14.98
C SER A 199 7.45 24.50 -14.68
N GLY A 200 7.42 23.54 -13.78
CA GLY A 200 6.21 22.80 -13.53
C GLY A 200 6.01 21.57 -14.38
N VAL A 201 6.98 21.19 -15.21
CA VAL A 201 6.87 19.93 -15.92
C VAL A 201 7.09 18.79 -14.93
N PRO A 202 6.12 17.90 -14.74
CA PRO A 202 6.34 16.79 -13.81
C PRO A 202 7.42 15.85 -14.32
N TYR A 203 8.14 15.25 -13.37
CA TYR A 203 9.03 14.14 -13.70
C TYR A 203 8.26 12.88 -14.07
N ALA A 204 7.09 12.66 -13.46
CA ALA A 204 6.30 11.48 -13.77
C ALA A 204 5.81 11.51 -15.22
N MET A 205 6.01 10.40 -15.95
CA MET A 205 5.61 10.31 -17.34
C MET A 205 4.89 8.99 -17.65
N GLY A 206 4.36 8.31 -16.63
CA GLY A 206 3.58 7.13 -16.88
C GLY A 206 4.38 5.87 -17.11
N CYS A 207 5.68 5.92 -16.82
CA CYS A 207 6.59 4.79 -16.89
C CYS A 207 7.36 4.75 -15.59
N SER A 208 7.63 3.55 -15.09
CA SER A 208 8.50 3.48 -13.91
C SER A 208 9.92 3.89 -14.29
N PHE A 209 10.56 4.61 -13.38
CA PHE A 209 11.96 5.04 -13.43
C PHE A 209 12.29 6.10 -14.49
N SER A 210 11.51 6.19 -15.57
CA SER A 210 11.84 7.11 -16.64
C SER A 210 11.39 8.55 -16.35
N VAL A 211 12.13 9.50 -16.91
CA VAL A 211 11.78 10.93 -16.87
C VAL A 211 11.97 11.54 -18.25
N PRO A 212 11.27 12.66 -18.53
CA PRO A 212 11.43 13.32 -19.83
C PRO A 212 12.86 13.75 -20.08
N LEU A 213 13.18 13.92 -21.36
CA LEU A 213 14.44 14.54 -21.77
C LEU A 213 14.56 15.93 -21.16
N ASN A 214 15.81 16.34 -20.91
CA ASN A 214 16.11 17.66 -20.33
C ASN A 214 15.53 17.81 -18.92
N CYS A 215 15.39 16.70 -18.20
CA CYS A 215 15.16 16.64 -16.76
C CYS A 215 16.39 16.05 -16.09
N PRO A 216 16.60 16.32 -14.81
CA PRO A 216 17.67 15.63 -14.10
C PRO A 216 17.42 14.13 -14.08
N VAL A 217 18.50 13.35 -14.17
CA VAL A 217 18.42 11.90 -14.00
C VAL A 217 18.22 11.59 -12.53
N PRO A 218 17.14 10.91 -12.13
CA PRO A 218 16.97 10.55 -10.71
C PRO A 218 17.99 9.52 -10.25
N LYS A 219 18.29 9.54 -8.93
CA LYS A 219 19.42 8.77 -8.42
C LYS A 219 19.23 7.27 -8.62
N SER A 220 17.99 6.78 -8.47
CA SER A 220 17.71 5.39 -8.76
C SER A 220 18.11 5.02 -10.18
N LEU A 221 17.71 5.84 -11.14
CA LEU A 221 18.01 5.54 -12.53
C LEU A 221 19.51 5.62 -12.80
N ALA A 222 20.19 6.60 -12.18
CA ALA A 222 21.65 6.66 -12.31
C ALA A 222 22.27 5.37 -11.82
N ASN A 223 21.71 4.79 -10.76
CA ASN A 223 22.25 3.54 -10.24
C ASN A 223 21.96 2.39 -11.19
N ILE A 224 20.80 2.40 -11.85
CA ILE A 224 20.54 1.40 -12.89
C ILE A 224 21.59 1.50 -13.99
N TYR A 225 21.82 2.71 -14.50
CA TYR A 225 22.87 2.92 -15.52
C TYR A 225 24.22 2.40 -15.03
N THR A 226 24.59 2.73 -13.78
CA THR A 226 25.85 2.23 -13.22
C THR A 226 25.92 0.71 -13.30
N ASN A 227 24.81 0.03 -12.98
CA ASN A 227 24.77 -1.42 -13.08
C ASN A 227 24.94 -1.89 -14.53
N LEU A 228 24.29 -1.22 -15.48
CA LEU A 228 24.47 -1.60 -16.89
C LEU A 228 25.93 -1.46 -17.32
N ILE A 229 26.59 -0.38 -16.88
CA ILE A 229 28.00 -0.17 -17.20
C ILE A 229 28.86 -1.28 -16.59
N LYS A 230 28.61 -1.60 -15.31
CA LYS A 230 29.40 -2.60 -14.60
C LYS A 230 29.37 -3.97 -15.28
N PHE A 231 28.23 -4.34 -15.87
CA PHE A 231 28.14 -5.67 -16.46
C PHE A 231 28.22 -5.63 -17.98
N ASN A 232 28.78 -4.55 -18.52
CA ASN A 232 29.20 -4.44 -19.91
C ASN A 232 28.02 -4.38 -20.87
N HIS A 233 26.87 -3.88 -20.42
CA HIS A 233 25.73 -3.70 -21.31
C HIS A 233 25.68 -2.31 -21.89
N MET A 234 26.59 -1.45 -21.48
CA MET A 234 26.61 -0.01 -21.72
C MET A 234 27.99 0.47 -21.32
N ARG A 235 28.52 1.44 -22.07
CA ARG A 235 29.85 1.94 -21.77
C ARG A 235 29.86 3.31 -21.14
N LYS A 236 28.82 4.10 -21.35
CA LYS A 236 28.75 5.42 -20.73
C LYS A 236 27.29 5.72 -20.40
N ALA A 237 27.04 6.30 -19.24
CA ALA A 237 25.67 6.61 -18.87
C ALA A 237 25.08 7.60 -19.87
N PRO A 238 23.85 7.38 -20.36
CA PRO A 238 23.20 8.40 -21.17
C PRO A 238 23.04 9.69 -20.38
N LYS A 239 23.09 10.83 -21.08
CA LYS A 239 22.98 12.09 -20.34
C LYS A 239 21.55 12.40 -19.89
N HIS A 240 20.56 11.72 -20.41
CA HIS A 240 19.15 11.94 -20.09
C HIS A 240 18.61 10.72 -19.34
N GLY A 241 17.36 10.81 -18.89
CA GLY A 241 16.76 9.69 -18.19
C GLY A 241 15.56 9.08 -18.87
N CYS A 242 15.48 9.20 -20.20
CA CYS A 242 14.29 8.79 -20.93
C CYS A 242 14.46 7.38 -21.47
N LEU A 243 13.61 6.46 -21.01
CA LEU A 243 13.74 5.03 -21.29
C LEU A 243 12.86 4.58 -22.47
N ALA A 244 12.45 5.51 -23.33
CA ALA A 244 11.68 5.17 -24.52
C ALA A 244 12.26 3.98 -25.28
N SER A 245 13.58 3.88 -25.33
CA SER A 245 14.22 2.83 -26.12
C SER A 245 13.91 1.44 -25.56
N TRP A 246 14.01 1.29 -24.23
CA TRP A 246 13.75 -0.01 -23.62
C TRP A 246 12.28 -0.38 -23.74
N ILE A 247 11.40 0.58 -23.55
CA ILE A 247 9.97 0.28 -23.53
C ILE A 247 9.50 -0.10 -24.92
N LEU A 248 10.00 0.59 -25.95
CA LEU A 248 9.62 0.27 -27.32
C LEU A 248 10.01 -1.16 -27.70
N GLN A 249 11.04 -1.71 -27.04
CA GLN A 249 11.52 -3.06 -27.30
C GLN A 249 10.92 -4.12 -26.38
N GLY A 250 9.85 -3.78 -25.66
CA GLY A 250 9.14 -4.74 -24.87
C GLY A 250 9.42 -4.75 -23.38
N THR A 251 10.07 -3.71 -22.85
CA THR A 251 10.25 -3.58 -21.40
C THR A 251 9.03 -2.85 -20.83
N PHE A 252 8.19 -3.58 -20.11
CA PHE A 252 6.92 -3.06 -19.58
C PHE A 252 7.16 -2.46 -18.21
N MET A 253 7.49 -1.17 -18.19
CA MET A 253 7.94 -0.50 -16.98
C MET A 253 6.78 0.36 -16.48
N ILE A 254 6.05 -0.15 -15.48
CA ILE A 254 4.93 0.55 -14.89
C ILE A 254 5.18 0.73 -13.39
N ASN A 255 4.44 1.67 -12.81
CA ASN A 255 4.37 1.86 -11.37
C ASN A 255 3.11 1.19 -10.83
N SER A 256 3.23 0.44 -9.73
CA SER A 256 2.05 -0.23 -9.17
C SER A 256 0.99 0.77 -8.70
N ALA A 257 1.41 1.96 -8.28
CA ALA A 257 0.51 3.09 -8.06
C ALA A 257 0.63 4.02 -9.26
N PHE A 258 -0.43 4.11 -10.05
CA PHE A 258 -0.31 4.86 -11.29
C PHE A 258 -0.28 6.36 -11.11
N THR A 259 -0.68 6.89 -9.96
CA THR A 259 -0.73 8.34 -9.76
C THR A 259 -0.17 8.72 -8.39
N THR A 260 0.20 9.99 -8.27
CA THR A 260 0.37 10.64 -6.99
C THR A 260 -0.03 12.10 -7.16
N VAL A 261 0.26 12.92 -6.17
CA VAL A 261 0.02 14.36 -6.24
C VAL A 261 1.38 15.03 -6.35
N LEU A 262 1.46 16.07 -7.19
CA LEU A 262 2.72 16.80 -7.36
C LEU A 262 3.28 17.21 -6.00
N ASN A 263 4.57 16.94 -5.80
CA ASN A 263 5.33 17.30 -4.60
C ASN A 263 4.88 16.54 -3.35
N GLU A 264 4.10 15.46 -3.51
CA GLU A 264 3.74 14.58 -2.40
C GLU A 264 4.03 13.15 -2.82
N SER A 265 4.76 12.42 -1.99
CA SER A 265 5.20 11.08 -2.37
C SER A 265 4.21 10.02 -1.92
N GLY A 266 3.80 9.16 -2.86
CA GLY A 266 3.05 7.95 -2.54
C GLY A 266 1.69 8.13 -1.90
N VAL A 267 0.94 9.19 -2.24
CA VAL A 267 -0.30 9.43 -1.53
C VAL A 267 -1.47 8.65 -2.09
N HIS A 268 -1.29 7.90 -3.19
CA HIS A 268 -2.35 7.10 -3.79
C HIS A 268 -2.02 5.61 -3.78
N ALA A 269 -1.38 5.14 -2.70
CA ALA A 269 -0.88 3.77 -2.66
C ALA A 269 -2.00 2.73 -2.59
N ARG A 270 -3.13 3.05 -1.96
CA ARG A 270 -4.22 2.07 -1.92
C ARG A 270 -5.05 2.12 -3.19
N THR A 271 -5.12 3.31 -3.80
CA THR A 271 -6.03 3.61 -4.90
C THR A 271 -5.97 2.59 -6.04
N TRP A 272 -4.77 2.14 -6.43
CA TRP A 272 -4.61 1.36 -7.65
C TRP A 272 -4.37 -0.14 -7.43
N GLU A 273 -4.46 -0.62 -6.18
CA GLU A 273 -4.00 -1.97 -5.86
C GLU A 273 -4.79 -3.03 -6.61
N SER A 274 -6.12 -2.87 -6.70
CA SER A 274 -6.90 -3.89 -7.40
C SER A 274 -6.67 -3.81 -8.90
N PHE A 275 -6.53 -2.61 -9.44
CA PHE A 275 -6.25 -2.47 -10.86
C PHE A 275 -4.92 -3.12 -11.20
N THR A 276 -3.88 -2.81 -10.43
CA THR A 276 -2.56 -3.41 -10.70
C THR A 276 -2.58 -4.93 -10.49
N ALA A 277 -3.31 -5.41 -9.49
CA ALA A 277 -3.41 -6.86 -9.30
C ALA A 277 -4.06 -7.51 -10.51
N ASP A 278 -5.14 -6.90 -11.03
CA ASP A 278 -5.77 -7.44 -12.23
C ASP A 278 -4.86 -7.32 -13.46
N LEU A 279 -4.01 -6.30 -13.51
CA LEU A 279 -3.08 -6.19 -14.63
C LEU A 279 -2.05 -7.31 -14.59
N ILE A 280 -1.45 -7.55 -13.42
CA ILE A 280 -0.50 -8.66 -13.26
C ILE A 280 -1.17 -9.97 -13.61
N ASP A 281 -2.35 -10.21 -13.04
CA ASP A 281 -3.04 -11.49 -13.25
C ASP A 281 -3.41 -11.68 -14.71
N TYR A 282 -3.85 -10.60 -15.37
CA TYR A 282 -4.16 -10.68 -16.78
C TYR A 282 -2.94 -11.13 -17.58
N LEU A 283 -1.78 -10.54 -17.28
CA LEU A 283 -0.60 -10.88 -18.07
C LEU A 283 -0.17 -12.33 -17.82
N THR A 284 -0.11 -12.74 -16.55
CA THR A 284 0.34 -14.11 -16.25
C THR A 284 -0.70 -15.16 -16.64
N ASP A 285 -1.97 -14.80 -16.74
CA ASP A 285 -2.95 -15.79 -17.19
C ASP A 285 -2.96 -15.92 -18.70
N ASN A 286 -2.66 -14.86 -19.45
CA ASN A 286 -2.83 -14.98 -20.88
C ASN A 286 -1.52 -15.15 -21.65
N TYR A 287 -0.37 -15.02 -21.00
CA TYR A 287 0.91 -15.06 -21.69
C TYR A 287 1.89 -15.93 -20.92
N ASP A 288 2.94 -16.34 -21.61
CA ASP A 288 3.85 -17.30 -21.01
C ASP A 288 5.28 -16.81 -21.04
N ASP A 289 6.02 -17.24 -20.02
CA ASP A 289 7.46 -17.05 -20.01
C ASP A 289 7.83 -15.56 -20.08
N LEU A 290 7.10 -14.74 -19.33
CA LEU A 290 7.51 -13.36 -19.16
C LEU A 290 8.64 -13.31 -18.15
N ILE A 291 9.37 -12.21 -18.16
CA ILE A 291 10.40 -11.97 -17.14
C ILE A 291 9.92 -10.87 -16.21
N PHE A 292 9.85 -11.17 -14.92
CA PHE A 292 9.49 -10.21 -13.89
C PHE A 292 10.74 -9.84 -13.10
N VAL A 293 11.02 -8.53 -13.02
CA VAL A 293 12.16 -8.00 -12.29
C VAL A 293 11.62 -7.31 -11.05
N ALA A 294 12.03 -7.80 -9.87
CA ALA A 294 11.53 -7.31 -8.59
C ALA A 294 12.66 -6.57 -7.86
N TRP A 295 12.62 -5.24 -7.92
CA TRP A 295 13.59 -4.41 -7.22
C TRP A 295 12.93 -3.85 -5.95
N GLY A 296 13.32 -4.38 -4.79
CA GLY A 296 12.73 -3.97 -3.53
C GLY A 296 11.61 -4.89 -3.08
N ALA A 297 11.23 -4.72 -1.81
CA ALA A 297 10.31 -5.66 -1.17
C ALA A 297 8.89 -5.53 -1.70
N HIS A 298 8.45 -4.30 -1.98
CA HIS A 298 7.11 -4.08 -2.52
C HIS A 298 6.93 -4.75 -3.89
N ALA A 299 7.87 -4.52 -4.81
CA ALA A 299 7.80 -5.17 -6.12
C ALA A 299 7.84 -6.70 -5.97
N HIS A 300 8.59 -7.18 -4.98
CA HIS A 300 8.71 -8.62 -4.75
C HIS A 300 7.41 -9.22 -4.27
N LYS A 301 6.74 -8.54 -3.34
CA LYS A 301 5.39 -8.96 -2.96
C LYS A 301 4.52 -9.06 -4.19
N LEU A 302 4.53 -8.02 -5.03
CA LEU A 302 3.67 -8.10 -6.21
C LEU A 302 4.05 -9.27 -7.11
N CYS A 303 5.34 -9.54 -7.28
CA CYS A 303 5.76 -10.63 -8.16
C CYS A 303 5.46 -12.01 -7.59
N GLN A 304 5.13 -12.10 -6.30
CA GLN A 304 4.62 -13.36 -5.78
C GLN A 304 3.16 -13.62 -6.11
N ARG A 305 2.51 -12.74 -6.89
CA ARG A 305 1.29 -13.15 -7.54
C ARG A 305 1.55 -14.07 -8.71
N VAL A 306 2.79 -14.17 -9.15
CA VAL A 306 3.17 -14.76 -10.43
C VAL A 306 3.67 -16.18 -10.18
N ASP A 307 3.25 -17.11 -11.01
CA ASP A 307 3.71 -18.49 -10.95
C ASP A 307 5.17 -18.59 -11.37
N PRO A 308 6.10 -18.90 -10.46
CA PRO A 308 7.52 -18.88 -10.81
C PRO A 308 8.00 -20.06 -11.65
N LYS A 309 7.14 -21.02 -11.97
CA LYS A 309 7.51 -22.08 -12.91
C LYS A 309 7.02 -21.78 -14.31
N LYS A 310 6.03 -20.93 -14.42
CA LYS A 310 5.52 -20.45 -15.68
C LYS A 310 6.24 -19.18 -16.15
N HIS A 311 6.88 -18.46 -15.22
CA HIS A 311 7.48 -17.17 -15.49
C HIS A 311 8.75 -17.06 -14.68
N TYR A 312 9.64 -16.20 -15.16
CA TYR A 312 10.98 -16.04 -14.60
C TYR A 312 11.02 -14.75 -13.76
N ILE A 313 11.36 -14.88 -12.47
CA ILE A 313 11.34 -13.77 -11.52
C ILE A 313 12.76 -13.53 -10.99
N ILE A 314 13.23 -12.30 -11.14
CA ILE A 314 14.59 -11.87 -10.74
C ILE A 314 14.41 -10.86 -9.63
N THR A 315 15.05 -11.10 -8.49
CA THR A 315 14.81 -10.32 -7.29
C THR A 315 16.11 -9.79 -6.69
N SER A 316 16.09 -8.53 -6.30
CA SER A 316 17.20 -7.94 -5.56
C SER A 316 16.66 -6.76 -4.75
N SER A 317 17.56 -6.04 -4.08
CA SER A 317 17.14 -4.80 -3.45
C SER A 317 16.92 -3.71 -4.49
N HIS A 318 16.34 -2.62 -4.03
CA HIS A 318 15.99 -1.49 -4.87
C HIS A 318 17.22 -0.66 -5.22
N PRO A 319 17.25 -0.08 -6.41
CA PRO A 319 18.43 0.72 -6.83
C PRO A 319 18.53 2.08 -6.19
N SER A 320 17.56 2.51 -5.39
CA SER A 320 17.68 3.82 -4.77
C SER A 320 18.95 3.85 -3.90
N PRO A 321 19.57 5.02 -3.71
CA PRO A 321 20.82 5.08 -2.92
C PRO A 321 20.70 4.54 -1.51
N TYR A 322 19.50 4.51 -0.93
CA TYR A 322 19.35 3.99 0.42
C TYR A 322 19.42 2.47 0.49
N SER A 323 19.29 1.77 -0.64
CA SER A 323 19.29 0.31 -0.61
C SER A 323 20.18 -0.34 -1.67
N VAL A 324 20.82 0.45 -2.54
CA VAL A 324 21.44 -0.10 -3.74
C VAL A 324 22.54 -1.10 -3.39
N SER A 325 23.30 -0.84 -2.33
CA SER A 325 24.45 -1.69 -2.02
C SER A 325 24.23 -2.57 -0.80
N ASN A 326 23.00 -2.65 -0.29
CA ASN A 326 22.64 -3.55 0.79
C ASN A 326 21.77 -4.67 0.27
N THR A 327 21.91 -5.85 0.86
CA THR A 327 20.93 -6.92 0.68
C THR A 327 19.55 -6.42 1.12
N MET A 328 18.53 -7.19 0.77
CA MET A 328 17.17 -6.87 1.14
C MET A 328 16.55 -8.08 1.82
N THR A 329 15.72 -7.85 2.81
CA THR A 329 14.94 -8.92 3.43
C THR A 329 13.47 -8.74 3.04
N SER A 330 12.86 -9.81 2.56
CA SER A 330 11.52 -9.71 2.02
C SER A 330 10.72 -10.96 2.37
N MET A 331 9.46 -10.77 2.70
CA MET A 331 8.59 -11.87 3.10
C MET A 331 8.34 -12.79 1.92
N SER A 332 8.66 -14.05 2.10
CA SER A 332 8.40 -15.08 1.10
C SER A 332 7.14 -15.80 1.54
N TYR A 333 6.07 -15.53 0.81
CA TYR A 333 4.75 -16.03 1.17
C TYR A 333 4.61 -17.52 0.82
N GLY A 334 3.56 -18.12 1.34
CA GLY A 334 3.25 -19.50 1.06
C GLY A 334 2.71 -20.24 2.26
N PRO A 335 2.84 -21.56 2.25
CA PRO A 335 2.33 -22.37 3.37
C PRO A 335 3.07 -22.08 4.66
N ASN A 336 4.34 -21.71 4.55
CA ASN A 336 5.21 -21.45 5.69
C ASN A 336 5.93 -20.14 5.41
N PRO A 337 5.28 -19.01 5.69
CA PRO A 337 5.84 -17.72 5.29
C PRO A 337 7.09 -17.38 6.09
N LYS A 338 8.10 -16.85 5.41
CA LYS A 338 9.31 -16.47 6.12
C LYS A 338 10.07 -15.42 5.35
N LYS A 339 10.73 -14.53 6.08
CA LYS A 339 11.61 -13.55 5.46
C LYS A 339 12.83 -14.23 4.85
N VAL A 340 13.14 -13.87 3.61
CA VAL A 340 14.31 -14.36 2.89
C VAL A 340 15.17 -13.16 2.50
N THR A 341 16.48 -13.39 2.43
CA THR A 341 17.43 -12.36 2.05
C THR A 341 17.75 -12.49 0.57
N TYR A 342 17.73 -11.37 -0.14
CA TYR A 342 18.01 -11.24 -1.56
C TYR A 342 19.17 -10.27 -1.74
N PRO A 343 19.99 -10.46 -2.78
CA PRO A 343 21.22 -9.68 -2.92
C PRO A 343 20.96 -8.20 -3.19
N SER A 344 22.01 -7.41 -2.99
CA SER A 344 21.96 -5.99 -3.29
C SER A 344 21.84 -5.74 -4.80
N PHE A 345 21.19 -4.63 -5.13
CA PHE A 345 20.98 -4.28 -6.53
C PHE A 345 22.28 -4.25 -7.30
N ASN A 346 23.31 -3.60 -6.76
CA ASN A 346 24.52 -3.39 -7.55
C ASN A 346 25.39 -4.63 -7.69
N SER A 347 25.01 -5.76 -7.08
CA SER A 347 25.78 -6.99 -7.21
C SER A 347 25.19 -7.98 -8.20
N VAL A 348 23.97 -7.73 -8.72
CA VAL A 348 23.28 -8.65 -9.62
C VAL A 348 23.37 -8.11 -11.03
N ASP A 349 23.59 -9.01 -11.98
CA ASP A 349 23.58 -8.61 -13.39
C ASP A 349 22.15 -8.78 -13.90
N HIS A 350 21.29 -7.83 -13.53
CA HIS A 350 19.87 -7.90 -13.88
C HIS A 350 19.67 -8.09 -15.38
N PHE A 351 20.33 -7.25 -16.18
CA PHE A 351 20.09 -7.23 -17.61
C PHE A 351 20.81 -8.36 -18.30
N GLY A 352 21.95 -8.80 -17.78
CA GLY A 352 22.54 -10.04 -18.24
C GLY A 352 21.61 -11.22 -18.02
N LYS A 353 20.94 -11.26 -16.87
CA LYS A 353 19.99 -12.35 -16.62
C LYS A 353 18.80 -12.28 -17.57
N ILE A 354 18.26 -11.06 -17.81
CA ILE A 354 17.19 -10.93 -18.81
C ILE A 354 17.66 -11.44 -20.16
N ASN A 355 18.87 -11.05 -20.56
CA ASN A 355 19.42 -11.46 -21.84
C ASN A 355 19.49 -12.96 -21.96
N GLU A 356 20.05 -13.60 -20.94
CA GLU A 356 20.24 -15.04 -21.01
C GLU A 356 18.90 -15.77 -21.06
N HIS A 357 17.90 -15.29 -20.30
CA HIS A 357 16.61 -15.97 -20.34
C HIS A 357 15.94 -15.81 -21.70
N LEU A 358 15.94 -14.60 -22.26
CA LEU A 358 15.38 -14.41 -23.59
C LEU A 358 16.09 -15.28 -24.61
N LYS A 359 17.41 -15.34 -24.54
CA LYS A 359 18.17 -16.12 -25.51
C LYS A 359 17.89 -17.60 -25.32
N SER A 360 17.69 -18.05 -24.09
CA SER A 360 17.40 -19.45 -23.85
C SER A 360 16.00 -19.82 -24.32
N ARG A 361 15.12 -18.84 -24.56
CA ARG A 361 13.84 -19.14 -25.21
C ARG A 361 13.77 -18.60 -26.64
N ASN A 362 14.92 -18.40 -27.29
CA ASN A 362 15.00 -18.02 -28.71
C ASN A 362 14.20 -16.75 -29.03
N LYS A 363 13.90 -15.94 -28.03
CA LYS A 363 13.19 -14.69 -28.24
C LYS A 363 14.17 -13.58 -28.64
N LYS A 364 13.64 -12.55 -29.30
CA LYS A 364 14.49 -11.47 -29.77
C LYS A 364 15.04 -10.69 -28.60
N PRO A 365 16.32 -10.35 -28.61
CA PRO A 365 16.93 -9.69 -27.45
C PRO A 365 16.48 -8.24 -27.32
N ILE A 366 16.87 -7.64 -26.19
CA ILE A 366 16.65 -6.22 -25.94
C ILE A 366 18.01 -5.54 -25.95
N PHE A 367 18.14 -4.48 -26.77
CA PHE A 367 19.38 -3.72 -26.87
C PHE A 367 19.31 -2.57 -25.88
N TRP A 368 20.03 -2.71 -24.78
CA TRP A 368 19.93 -1.74 -23.69
C TRP A 368 20.66 -0.44 -24.01
N ASP A 369 21.63 -0.46 -24.89
CA ASP A 369 22.45 0.74 -25.05
C ASP A 369 21.94 1.66 -26.16
N LEU A 370 21.76 1.12 -27.37
CA LEU A 370 21.36 1.88 -28.59
C LEU A 370 21.55 3.40 -28.61
N ASN B 95 0.90 11.32 32.41
CA ASN B 95 0.20 11.74 33.62
C ASN B 95 -1.09 10.93 33.82
N ARG B 96 -1.63 10.46 32.70
CA ARG B 96 -2.99 9.94 32.64
C ARG B 96 -3.03 8.44 32.91
N ILE B 97 -4.16 7.98 33.43
CA ILE B 97 -4.41 6.56 33.55
C ILE B 97 -4.99 6.05 32.24
N ILE B 98 -4.84 4.75 32.03
CA ILE B 98 -5.22 3.99 30.85
C ILE B 98 -6.53 4.44 30.20
N THR B 99 -7.60 4.51 30.99
CA THR B 99 -8.91 4.74 30.44
C THR B 99 -9.03 6.10 29.77
N GLU B 100 -8.16 7.06 30.13
CA GLU B 100 -8.24 8.37 29.49
C GLU B 100 -7.68 8.36 28.08
N TYR B 101 -6.72 7.48 27.81
CA TYR B 101 -6.27 7.32 26.44
C TYR B 101 -7.26 6.49 25.63
N ILE B 102 -7.93 5.51 26.25
CA ILE B 102 -8.76 4.60 25.48
C ILE B 102 -10.24 4.99 25.50
N LEU B 103 -10.75 5.49 26.63
CA LEU B 103 -12.17 5.81 26.78
C LEU B 103 -12.34 7.31 26.60
N ILE B 104 -12.54 7.73 25.36
CA ILE B 104 -12.43 9.13 24.98
C ILE B 104 -13.80 9.75 24.79
N ASP B 105 -13.98 10.96 25.33
CA ASP B 105 -15.22 11.72 25.19
C ASP B 105 -14.98 12.90 24.26
N ALA B 106 -15.78 13.01 23.21
CA ALA B 106 -15.59 14.10 22.24
C ALA B 106 -16.01 15.45 22.80
N ASN B 107 -16.78 15.48 23.90
CA ASN B 107 -17.11 16.72 24.57
C ASN B 107 -16.09 17.09 25.64
N ASN B 108 -15.10 16.24 25.88
CA ASN B 108 -14.12 16.46 26.93
C ASN B 108 -12.76 15.99 26.38
N TYR B 109 -12.27 16.72 25.39
CA TYR B 109 -11.23 16.24 24.50
C TYR B 109 -10.05 17.20 24.58
N HIS B 110 -9.01 16.81 25.31
CA HIS B 110 -7.84 17.67 25.51
C HIS B 110 -6.60 16.85 25.15
N PHE B 111 -6.30 16.81 23.85
CA PHE B 111 -5.09 16.20 23.34
C PHE B 111 -4.39 17.23 22.47
N LYS B 112 -3.07 17.30 22.58
CA LYS B 112 -2.31 18.23 21.76
C LYS B 112 -2.32 17.80 20.29
N SER B 113 -2.39 18.78 19.40
CA SER B 113 -2.15 18.52 17.99
C SER B 113 -0.71 18.04 17.76
N TRP B 114 -0.44 17.60 16.52
CA TRP B 114 0.94 17.23 16.19
C TRP B 114 1.86 18.45 16.27
N ILE B 115 1.37 19.63 15.89
CA ILE B 115 2.29 20.78 15.88
C ILE B 115 2.57 21.24 17.30
N GLU B 116 1.61 21.07 18.22
CA GLU B 116 1.89 21.42 19.61
C GLU B 116 2.81 20.40 20.27
N CYS B 117 2.78 19.14 19.82
CA CYS B 117 3.69 18.14 20.38
C CYS B 117 5.12 18.37 19.90
N PHE B 118 5.29 18.61 18.61
CA PHE B 118 6.60 18.73 17.97
C PHE B 118 6.65 20.10 17.33
N PRO B 119 6.85 21.16 18.12
CA PRO B 119 6.83 22.51 17.57
C PRO B 119 7.96 22.78 16.60
N ASP B 120 9.09 22.09 16.71
CA ASP B 120 10.16 22.22 15.73
C ASP B 120 9.95 21.34 14.49
N CYS B 121 8.77 20.74 14.33
CA CYS B 121 8.46 19.85 13.21
C CYS B 121 9.40 18.66 13.15
N LYS B 122 10.00 18.27 14.27
CA LYS B 122 10.87 17.10 14.31
C LYS B 122 10.10 16.00 15.05
N VAL B 123 9.54 15.06 14.29
CA VAL B 123 8.72 14.01 14.85
C VAL B 123 9.61 12.99 15.54
N ASN B 124 9.31 12.70 16.80
CA ASN B 124 10.05 11.71 17.58
C ASN B 124 9.04 10.69 18.07
N LEU B 125 8.94 9.57 17.33
CA LEU B 125 7.92 8.57 17.65
C LEU B 125 8.14 7.95 19.03
N LYS B 126 9.39 7.87 19.49
CA LYS B 126 9.67 7.22 20.77
C LYS B 126 8.95 7.91 21.94
N LEU B 127 8.72 9.22 21.86
CA LEU B 127 8.04 9.95 22.92
C LEU B 127 6.55 9.64 23.00
N LEU B 128 6.01 8.89 22.04
CA LEU B 128 4.57 8.63 22.01
C LEU B 128 4.23 7.24 22.54
N LEU B 129 5.21 6.49 23.00
CA LEU B 129 5.05 5.12 23.47
C LEU B 129 5.60 5.03 24.89
N PHE B 130 4.73 4.67 25.84
CA PHE B 130 5.16 4.56 27.23
C PHE B 130 4.89 3.22 27.89
N ARG B 131 4.27 2.27 27.19
CA ARG B 131 4.15 0.93 27.74
C ARG B 131 5.49 0.23 27.56
N PRO B 132 6.28 0.04 28.63
CA PRO B 132 7.66 -0.42 28.45
C PRO B 132 7.79 -1.79 27.82
N GLU B 133 6.74 -2.62 27.87
CA GLU B 133 6.80 -3.94 27.26
C GLU B 133 6.91 -3.91 25.74
N TRP B 134 6.73 -2.74 25.12
CA TRP B 134 6.96 -2.57 23.69
C TRP B 134 8.33 -2.01 23.37
N PHE B 135 9.10 -1.59 24.38
CA PHE B 135 10.35 -0.87 24.08
C PHE B 135 11.28 -1.72 23.21
N ASP B 136 11.34 -3.02 23.45
CA ASP B 136 12.18 -3.91 22.64
C ASP B 136 11.78 -3.84 21.18
N PHE B 137 10.49 -4.04 20.88
CA PHE B 137 10.03 -3.90 19.51
C PHE B 137 10.51 -2.57 18.96
N PHE B 138 10.37 -1.52 19.77
CA PHE B 138 10.73 -0.20 19.29
C PHE B 138 12.23 -0.11 19.01
N LYS B 139 13.06 -0.68 19.89
CA LYS B 139 14.49 -0.60 19.64
C LYS B 139 14.84 -1.37 18.38
N TYR B 140 14.12 -2.48 18.14
CA TYR B 140 14.29 -3.18 16.88
C TYR B 140 13.99 -2.24 15.71
N VAL B 141 12.82 -1.62 15.73
CA VAL B 141 12.35 -0.95 14.53
C VAL B 141 13.20 0.28 14.23
N GLU B 142 13.68 0.97 15.26
CA GLU B 142 14.48 2.15 14.97
C GLU B 142 15.89 1.81 14.51
N SER B 143 16.31 0.54 14.63
CA SER B 143 17.59 0.16 14.06
C SER B 143 17.53 0.08 12.53
N LYS B 144 16.36 -0.25 11.98
CA LYS B 144 16.22 -0.49 10.55
C LYS B 144 16.38 0.79 9.74
N THR B 145 16.80 0.60 8.48
CA THR B 145 17.11 1.73 7.60
C THR B 145 15.90 2.61 7.34
N TYR B 146 14.70 2.03 7.27
CA TYR B 146 13.55 2.86 6.94
C TYR B 146 13.14 3.79 8.08
N PHE B 147 13.49 3.49 9.33
CA PHE B 147 12.93 4.26 10.45
C PHE B 147 13.22 5.75 10.32
N PRO B 148 14.47 6.21 10.17
CA PRO B 148 14.70 7.66 10.01
C PRO B 148 13.92 8.26 8.87
N GLN B 149 13.67 7.48 7.81
CA GLN B 149 12.86 7.96 6.70
C GLN B 149 11.39 8.10 7.10
N LEU B 150 10.85 7.16 7.88
CA LEU B 150 9.51 7.33 8.43
C LEU B 150 9.42 8.63 9.23
N GLU B 151 10.33 8.80 10.19
CA GLU B 151 10.27 10.03 10.99
C GLU B 151 10.41 11.27 10.12
N SER B 152 11.33 11.23 9.15
CA SER B 152 11.55 12.37 8.26
C SER B 152 10.30 12.70 7.44
N LYS B 153 9.58 11.68 6.98
CA LYS B 153 8.35 11.93 6.24
C LYS B 153 7.25 12.50 7.12
N LEU B 154 7.10 12.00 8.35
CA LEU B 154 6.10 12.60 9.24
C LEU B 154 6.45 14.05 9.56
N SER B 155 7.75 14.31 9.80
CA SER B 155 8.22 15.69 9.98
C SER B 155 7.80 16.56 8.82
N SER B 156 8.06 16.10 7.59
CA SER B 156 7.67 16.87 6.42
C SER B 156 6.18 17.12 6.38
N TYR B 157 5.36 16.16 6.81
CA TYR B 157 3.93 16.44 6.87
C TYR B 157 3.64 17.57 7.84
N LEU B 158 4.39 17.62 8.95
CA LEU B 158 4.20 18.70 9.91
C LEU B 158 4.52 20.05 9.30
N GLU B 159 5.63 20.14 8.57
CA GLU B 159 6.03 21.42 7.97
C GLU B 159 4.97 21.96 7.03
N LYS B 160 4.26 21.06 6.33
CA LYS B 160 3.21 21.45 5.42
C LYS B 160 1.93 21.82 6.15
N ARG B 161 1.95 21.83 7.48
CA ARG B 161 0.77 22.07 8.27
C ARG B 161 -0.38 21.17 7.81
N GLN B 162 -0.05 19.90 7.60
CA GLN B 162 -1.07 18.90 7.38
C GLN B 162 -1.80 18.62 8.68
N ARG B 163 -3.13 18.66 8.65
CA ARG B 163 -3.96 18.31 9.80
C ARG B 163 -3.90 16.79 10.00
N ILE B 164 -2.81 16.33 10.61
CA ILE B 164 -2.57 14.91 10.80
C ILE B 164 -3.49 14.35 11.89
N VAL B 165 -4.07 13.19 11.63
CA VAL B 165 -4.87 12.47 12.63
C VAL B 165 -4.50 10.99 12.58
N PRO B 166 -4.67 10.29 13.72
CA PRO B 166 -5.11 10.80 15.03
C PRO B 166 -4.02 11.62 15.70
N TYR B 167 -4.33 12.35 16.78
CA TYR B 167 -3.32 13.16 17.44
C TYR B 167 -2.24 12.26 18.04
N PRO B 168 -1.06 12.83 18.33
CA PRO B 168 0.10 12.00 18.67
C PRO B 168 -0.05 11.20 19.94
N GLU B 169 -0.69 11.75 20.97
CA GLU B 169 -0.85 10.97 22.20
C GLU B 169 -1.77 9.78 22.04
N LEU B 170 -2.48 9.66 20.90
CA LEU B 170 -3.34 8.53 20.60
C LEU B 170 -2.79 7.64 19.49
N LEU B 171 -1.66 8.02 18.89
CA LEU B 171 -1.10 7.27 17.76
C LEU B 171 -0.90 5.80 18.12
N PHE B 172 -0.27 5.52 19.26
CA PHE B 172 0.02 4.17 19.68
C PHE B 172 -0.94 3.68 20.76
N ASN B 173 -2.18 4.19 20.72
CA ASN B 173 -3.23 3.89 21.70
C ASN B 173 -3.30 2.41 22.07
N THR B 174 -3.45 1.56 21.06
CA THR B 174 -3.66 0.15 21.32
C THR B 174 -2.45 -0.47 21.99
N MET B 175 -1.25 -0.06 21.60
CA MET B 175 -0.05 -0.61 22.21
C MET B 175 0.14 -0.07 23.63
N ASN B 176 -0.20 1.19 23.87
CA ASN B 176 -0.08 1.69 25.23
C ASN B 176 -1.09 1.04 26.16
N VAL B 177 -2.25 0.62 25.64
CA VAL B 177 -3.19 -0.15 26.46
C VAL B 177 -2.73 -1.59 26.64
N LEU B 178 -2.30 -2.23 25.54
CA LEU B 178 -2.06 -3.67 25.52
C LEU B 178 -0.58 -4.01 25.36
N PRO B 179 0.12 -4.51 26.38
CA PRO B 179 1.45 -5.06 26.14
C PRO B 179 1.38 -6.21 25.17
N PRO B 180 2.45 -6.47 24.42
CA PRO B 180 2.36 -7.51 23.37
C PRO B 180 1.93 -8.86 23.90
N GLY B 181 2.42 -9.25 25.09
CA GLY B 181 2.06 -10.53 25.70
C GLY B 181 0.61 -10.66 26.12
N LYS B 182 -0.16 -9.58 26.10
CA LYS B 182 -1.59 -9.63 26.44
C LYS B 182 -2.50 -9.61 25.21
N ILE B 183 -1.94 -9.54 24.01
CA ILE B 183 -2.78 -9.57 22.81
C ILE B 183 -3.42 -10.94 22.68
N LYS B 184 -4.70 -10.97 22.35
CA LYS B 184 -5.41 -12.22 22.07
C LYS B 184 -5.95 -12.28 20.65
N VAL B 185 -6.42 -11.14 20.13
CA VAL B 185 -6.95 -11.00 18.80
C VAL B 185 -6.30 -9.79 18.18
N VAL B 186 -6.02 -9.86 16.88
CA VAL B 186 -5.56 -8.72 16.11
C VAL B 186 -6.61 -8.45 15.05
N ILE B 187 -7.15 -7.24 15.03
CA ILE B 187 -8.14 -6.83 14.05
C ILE B 187 -7.59 -5.62 13.30
N LEU B 188 -7.29 -5.81 12.02
CA LEU B 188 -6.63 -4.79 11.24
C LEU B 188 -7.65 -3.92 10.52
N GLY B 189 -7.55 -2.64 10.72
CA GLY B 189 -8.20 -1.71 9.81
C GLY B 189 -7.20 -1.26 8.77
N GLN B 190 -7.71 -0.61 7.74
CA GLN B 190 -6.85 -0.11 6.67
C GLN B 190 -6.35 1.28 7.03
N ASP B 191 -7.24 2.26 7.01
CA ASP B 191 -6.95 3.68 7.22
C ASP B 191 -7.66 4.18 8.46
N PRO B 192 -7.14 5.20 9.14
CA PRO B 192 -7.90 5.83 10.21
C PRO B 192 -9.07 6.60 9.64
N TYR B 193 -10.12 6.72 10.43
CA TYR B 193 -11.25 7.53 9.99
C TYR B 193 -10.75 8.92 9.62
N PRO B 194 -11.20 9.48 8.50
CA PRO B 194 -10.77 10.82 8.12
C PRO B 194 -11.70 11.91 8.62
N GLY B 195 -12.88 11.56 9.12
CA GLY B 195 -13.89 12.53 9.49
C GLY B 195 -13.60 13.20 10.83
N SER B 196 -14.54 14.09 11.22
CA SER B 196 -14.46 14.77 12.50
C SER B 196 -15.85 15.24 12.90
N CYS B 197 -16.06 15.33 14.22
CA CYS B 197 -17.26 15.91 14.82
C CYS B 197 -17.17 17.44 14.69
N ILE B 198 -18.27 18.15 14.97
CA ILE B 198 -18.36 19.57 14.58
C ILE B 198 -17.25 20.39 15.24
N SER B 199 -16.86 20.05 16.45
CA SER B 199 -15.89 20.86 17.17
C SER B 199 -14.46 20.67 16.66
N GLY B 200 -14.28 20.01 15.52
CA GLY B 200 -12.94 19.68 15.08
C GLY B 200 -12.31 18.48 15.75
N VAL B 201 -13.08 17.71 16.54
CA VAL B 201 -12.61 16.49 17.19
C VAL B 201 -12.51 15.39 16.14
N PRO B 202 -11.33 14.82 15.91
CA PRO B 202 -11.23 13.77 14.89
C PRO B 202 -11.97 12.51 15.33
N TYR B 203 -12.54 11.81 14.34
CA TYR B 203 -13.08 10.47 14.57
C TYR B 203 -11.97 9.48 14.91
N ALA B 204 -10.80 9.64 14.29
CA ALA B 204 -9.70 8.72 14.51
C ALA B 204 -9.17 8.83 15.94
N MET B 205 -9.06 7.70 16.64
CA MET B 205 -8.56 7.71 18.01
C MET B 205 -7.44 6.70 18.24
N GLY B 206 -6.80 6.20 17.17
CA GLY B 206 -5.66 5.31 17.33
C GLY B 206 -6.00 3.85 17.43
N CYS B 207 -7.27 3.49 17.33
CA CYS B 207 -7.76 2.12 17.27
C CYS B 207 -8.52 1.96 15.96
N SER B 208 -8.40 0.80 15.33
CA SER B 208 -9.24 0.57 14.17
C SER B 208 -10.70 0.49 14.62
N PHE B 209 -11.58 1.06 13.79
CA PHE B 209 -13.04 0.95 13.89
C PHE B 209 -13.67 1.73 15.06
N SER B 210 -12.89 2.02 16.10
CA SER B 210 -13.40 2.75 17.25
C SER B 210 -13.52 4.25 16.93
N VAL B 211 -14.52 4.88 17.55
CA VAL B 211 -14.65 6.34 17.62
C VAL B 211 -14.94 6.73 19.07
N PRO B 212 -14.59 7.95 19.50
CA PRO B 212 -14.81 8.33 20.89
C PRO B 212 -16.29 8.54 21.18
N LEU B 213 -16.60 8.59 22.48
CA LEU B 213 -17.97 8.81 22.91
C LEU B 213 -18.51 10.14 22.38
N ASN B 214 -19.84 10.18 22.19
CA ASN B 214 -20.54 11.38 21.71
C ASN B 214 -20.13 11.76 20.28
N CYS B 215 -19.87 10.77 19.45
CA CYS B 215 -19.71 10.97 18.03
C CYS B 215 -20.54 9.90 17.33
N PRO B 216 -20.99 10.16 16.09
CA PRO B 216 -21.82 9.17 15.39
C PRO B 216 -21.07 7.87 15.13
N VAL B 217 -21.81 6.77 15.18
CA VAL B 217 -21.25 5.45 14.87
C VAL B 217 -21.01 5.38 13.38
N PRO B 218 -19.77 5.17 12.92
CA PRO B 218 -19.55 5.04 11.48
C PRO B 218 -20.24 3.79 10.94
N LYS B 219 -20.54 3.84 9.65
CA LYS B 219 -21.36 2.82 9.00
C LYS B 219 -20.73 1.42 9.10
N SER B 220 -19.39 1.34 9.02
CA SER B 220 -18.67 0.09 9.22
C SER B 220 -18.92 -0.50 10.60
N LEU B 221 -18.74 0.33 11.64
CA LEU B 221 -18.94 -0.16 13.01
C LEU B 221 -20.39 -0.53 13.25
N ALA B 222 -21.33 0.23 12.69
CA ALA B 222 -22.73 -0.17 12.74
C ALA B 222 -22.91 -1.56 12.16
N ASN B 223 -22.23 -1.87 11.04
CA ASN B 223 -22.37 -3.19 10.45
C ASN B 223 -21.76 -4.28 11.32
N ILE B 224 -20.68 -3.97 12.03
CA ILE B 224 -20.13 -4.90 13.02
C ILE B 224 -21.14 -5.17 14.13
N TYR B 225 -21.82 -4.11 14.60
CA TYR B 225 -22.84 -4.27 15.65
C TYR B 225 -23.96 -5.18 15.16
N THR B 226 -24.47 -4.91 13.95
CA THR B 226 -25.44 -5.79 13.31
C THR B 226 -24.97 -7.24 13.34
N ASN B 227 -23.71 -7.47 12.99
CA ASN B 227 -23.22 -8.85 12.97
C ASN B 227 -23.24 -9.48 14.36
N LEU B 228 -22.84 -8.71 15.38
CA LEU B 228 -22.85 -9.25 16.73
C LEU B 228 -24.26 -9.59 17.18
N ILE B 229 -25.25 -8.80 16.76
CA ILE B 229 -26.64 -9.08 17.12
C ILE B 229 -27.15 -10.31 16.38
N LYS B 230 -26.85 -10.41 15.08
CA LYS B 230 -27.29 -11.55 14.28
C LYS B 230 -26.85 -12.88 14.91
N PHE B 231 -25.64 -12.92 15.47
CA PHE B 231 -25.14 -14.17 16.05
C PHE B 231 -25.21 -14.17 17.58
N ASN B 232 -26.08 -13.33 18.15
CA ASN B 232 -26.49 -13.45 19.56
C ASN B 232 -25.33 -13.26 20.53
N HIS B 233 -24.45 -12.31 20.24
CA HIS B 233 -23.42 -11.91 21.18
C HIS B 233 -23.79 -10.64 21.92
N MET B 234 -24.94 -10.07 21.59
CA MET B 234 -25.30 -8.72 21.93
C MET B 234 -26.78 -8.56 21.61
N ARG B 235 -27.54 -7.96 22.52
CA ARG B 235 -28.97 -7.80 22.33
C ARG B 235 -29.31 -6.56 21.51
N LYS B 236 -28.66 -5.44 21.80
CA LYS B 236 -28.88 -4.23 21.05
C LYS B 236 -27.56 -3.49 20.87
N ALA B 237 -27.43 -2.81 19.73
CA ALA B 237 -26.24 -2.02 19.45
C ALA B 237 -26.01 -1.01 20.57
N PRO B 238 -24.77 -0.86 21.05
CA PRO B 238 -24.45 0.33 21.84
C PRO B 238 -24.77 1.58 21.03
N LYS B 239 -25.18 2.62 21.73
CA LYS B 239 -25.50 3.86 21.03
C LYS B 239 -24.28 4.76 20.87
N HIS B 240 -23.11 4.31 21.33
CA HIS B 240 -21.82 4.93 21.05
C HIS B 240 -20.96 3.97 20.23
N GLY B 241 -19.82 4.48 19.76
CA GLY B 241 -18.95 3.70 18.90
C GLY B 241 -17.58 3.45 19.48
N CYS B 242 -17.47 3.42 20.81
CA CYS B 242 -16.19 3.35 21.50
C CYS B 242 -15.91 1.90 21.89
N LEU B 243 -14.81 1.35 21.36
CA LEU B 243 -14.48 -0.05 21.61
C LEU B 243 -13.46 -0.20 22.71
N ALA B 244 -13.35 0.78 23.61
CA ALA B 244 -12.39 0.68 24.71
C ALA B 244 -12.49 -0.68 25.39
N SER B 245 -13.72 -1.13 25.66
CA SER B 245 -13.95 -2.41 26.32
C SER B 245 -13.23 -3.55 25.60
N TRP B 246 -13.28 -3.58 24.26
CA TRP B 246 -12.66 -4.69 23.53
C TRP B 246 -11.15 -4.63 23.62
N ILE B 247 -10.59 -3.43 23.48
CA ILE B 247 -9.15 -3.26 23.55
C ILE B 247 -8.64 -3.71 24.90
N LEU B 248 -9.28 -3.21 25.97
CA LEU B 248 -8.86 -3.56 27.32
C LEU B 248 -8.80 -5.07 27.51
N GLN B 249 -9.75 -5.80 26.95
CA GLN B 249 -9.80 -7.25 27.09
C GLN B 249 -8.83 -8.00 26.14
N GLY B 250 -8.00 -7.31 25.37
CA GLY B 250 -7.01 -7.99 24.54
C GLY B 250 -7.30 -7.99 23.05
N THR B 251 -8.22 -7.17 22.57
CA THR B 251 -8.44 -7.03 21.14
C THR B 251 -7.49 -5.95 20.63
N PHE B 252 -6.47 -6.37 19.88
CA PHE B 252 -5.42 -5.46 19.39
C PHE B 252 -5.94 -4.91 18.07
N MET B 253 -6.56 -3.74 18.13
CA MET B 253 -7.24 -3.17 16.98
C MET B 253 -6.39 -2.03 16.43
N ILE B 254 -5.63 -2.31 15.37
CA ILE B 254 -4.80 -1.27 14.76
C ILE B 254 -5.17 -1.09 13.29
N ASN B 255 -4.85 0.11 12.78
CA ASN B 255 -4.91 0.40 11.35
C ASN B 255 -3.54 0.15 10.72
N SER B 256 -3.53 -0.37 9.50
CA SER B 256 -2.24 -0.65 8.87
C SER B 256 -1.52 0.63 8.49
N ALA B 257 -2.27 1.70 8.21
CA ALA B 257 -1.75 3.05 8.15
C ALA B 257 -2.10 3.75 9.46
N PHE B 258 -1.08 4.14 10.23
CA PHE B 258 -1.35 4.70 11.55
C PHE B 258 -1.84 6.14 11.50
N THR B 259 -1.62 6.86 10.40
CA THR B 259 -2.09 8.23 10.28
C THR B 259 -2.71 8.44 8.92
N THR B 260 -3.49 9.51 8.83
CA THR B 260 -3.91 10.11 7.58
C THR B 260 -4.01 11.61 7.85
N VAL B 261 -4.55 12.36 6.90
CA VAL B 261 -4.85 13.76 7.18
C VAL B 261 -6.35 13.91 7.12
N LEU B 262 -6.86 14.84 7.94
CA LEU B 262 -8.30 15.05 8.07
C LEU B 262 -8.95 15.25 6.71
N ASN B 263 -10.05 14.54 6.50
CA ASN B 263 -10.84 14.57 5.26
C ASN B 263 -10.04 14.09 4.05
N GLU B 264 -8.97 13.33 4.26
CA GLU B 264 -8.23 12.71 3.18
C GLU B 264 -8.03 11.25 3.51
N SER B 265 -8.25 10.39 2.53
CA SER B 265 -8.32 8.96 2.79
C SER B 265 -7.05 8.30 2.28
N GLY B 266 -6.32 7.63 3.18
CA GLY B 266 -5.22 6.78 2.78
C GLY B 266 -3.96 7.45 2.28
N VAL B 267 -3.77 8.74 2.56
CA VAL B 267 -2.65 9.45 1.95
C VAL B 267 -1.31 9.07 2.58
N HIS B 268 -1.33 8.44 3.77
CA HIS B 268 -0.11 8.00 4.45
C HIS B 268 0.06 6.49 4.42
N ALA B 269 -0.67 5.79 3.54
CA ALA B 269 -0.60 4.33 3.55
C ALA B 269 0.82 3.85 3.28
N ARG B 270 1.49 4.46 2.29
CA ARG B 270 2.86 4.04 1.99
C ARG B 270 3.80 4.36 3.16
N THR B 271 3.65 5.54 3.74
CA THR B 271 4.53 5.96 4.83
C THR B 271 4.63 4.91 5.93
N TRP B 272 3.53 4.21 6.22
CA TRP B 272 3.49 3.31 7.37
C TRP B 272 3.75 1.84 7.05
N GLU B 273 3.96 1.47 5.78
CA GLU B 273 3.93 0.05 5.39
C GLU B 273 4.99 -0.77 6.10
N SER B 274 6.24 -0.28 6.14
CA SER B 274 7.33 -1.10 6.69
C SER B 274 7.16 -1.26 8.19
N PHE B 275 6.78 -0.18 8.87
CA PHE B 275 6.48 -0.25 10.30
C PHE B 275 5.44 -1.33 10.59
N THR B 276 4.28 -1.25 9.91
CA THR B 276 3.20 -2.20 10.14
C THR B 276 3.64 -3.63 9.86
N ALA B 277 4.39 -3.84 8.78
CA ALA B 277 4.90 -5.17 8.49
C ALA B 277 5.79 -5.69 9.60
N ASP B 278 6.67 -4.84 10.13
CA ASP B 278 7.49 -5.26 11.27
C ASP B 278 6.66 -5.50 12.53
N LEU B 279 5.54 -4.79 12.70
CA LEU B 279 4.68 -5.05 13.87
C LEU B 279 4.01 -6.42 13.74
N ILE B 280 3.45 -6.72 12.57
CA ILE B 280 2.89 -8.06 12.34
C ILE B 280 3.96 -9.11 12.62
N ASP B 281 5.13 -8.95 12.00
CA ASP B 281 6.18 -9.98 12.11
C ASP B 281 6.64 -10.15 13.55
N TYR B 282 6.73 -9.04 14.30
CA TYR B 282 7.10 -9.15 15.71
C TYR B 282 6.11 -9.99 16.48
N LEU B 283 4.81 -9.69 16.32
CA LEU B 283 3.78 -10.47 17.00
C LEU B 283 3.84 -11.95 16.61
N THR B 284 3.88 -12.22 15.30
CA THR B 284 3.84 -13.61 14.89
C THR B 284 5.11 -14.36 15.28
N ASP B 285 6.26 -13.68 15.32
CA ASP B 285 7.51 -14.36 15.61
C ASP B 285 7.69 -14.64 17.11
N ASN B 286 7.12 -13.80 17.97
CA ASN B 286 7.37 -13.94 19.41
C ASN B 286 6.22 -14.50 20.21
N TYR B 287 5.07 -14.77 19.60
CA TYR B 287 3.94 -15.27 20.37
C TYR B 287 3.27 -16.38 19.58
N ASP B 288 2.63 -17.27 20.32
CA ASP B 288 1.94 -18.40 19.75
C ASP B 288 0.45 -18.20 19.95
N ASP B 289 -0.33 -18.73 19.02
CA ASP B 289 -1.77 -18.91 19.25
C ASP B 289 -2.53 -17.60 19.24
N LEU B 290 -2.11 -16.66 18.38
CA LEU B 290 -2.91 -15.47 18.21
C LEU B 290 -4.04 -15.74 17.23
N ILE B 291 -5.03 -14.86 17.24
CA ILE B 291 -6.11 -14.87 16.26
C ILE B 291 -5.96 -13.60 15.44
N PHE B 292 -5.87 -13.74 14.12
CA PHE B 292 -5.87 -12.61 13.20
C PHE B 292 -7.19 -12.59 12.43
N VAL B 293 -7.84 -11.43 12.43
CA VAL B 293 -9.10 -11.24 11.74
C VAL B 293 -8.82 -10.33 10.56
N ALA B 294 -9.00 -10.87 9.35
CA ALA B 294 -8.76 -10.13 8.11
C ALA B 294 -10.10 -9.79 7.48
N TRP B 295 -10.47 -8.52 7.55
CA TRP B 295 -11.69 -8.00 6.95
C TRP B 295 -11.30 -7.22 5.70
N GLY B 296 -11.54 -7.81 4.54
CA GLY B 296 -11.17 -7.18 3.28
C GLY B 296 -9.82 -7.65 2.78
N ALA B 297 -9.52 -7.25 1.54
CA ALA B 297 -8.40 -7.84 0.79
C ALA B 297 -7.06 -7.38 1.32
N HIS B 298 -6.92 -6.09 1.62
CA HIS B 298 -5.65 -5.59 2.14
C HIS B 298 -5.29 -6.29 3.45
N ALA B 299 -6.24 -6.33 4.40
CA ALA B 299 -6.00 -7.04 5.66
C ALA B 299 -5.63 -8.49 5.40
N HIS B 300 -6.26 -9.13 4.43
CA HIS B 300 -5.91 -10.50 4.08
C HIS B 300 -4.45 -10.61 3.62
N LYS B 301 -4.02 -9.69 2.75
CA LYS B 301 -2.62 -9.72 2.34
C LYS B 301 -1.70 -9.61 3.54
N LEU B 302 -1.95 -8.64 4.43
CA LEU B 302 -1.09 -8.52 5.60
C LEU B 302 -1.12 -9.80 6.45
N CYS B 303 -2.29 -10.44 6.54
CA CYS B 303 -2.33 -11.65 7.36
C CYS B 303 -1.63 -12.83 6.69
N GLN B 304 -1.35 -12.78 5.38
CA GLN B 304 -0.57 -13.85 4.78
C GLN B 304 0.90 -13.84 5.24
N ARG B 305 1.35 -12.79 5.94
CA ARG B 305 2.66 -12.83 6.60
C ARG B 305 2.66 -13.73 7.84
N VAL B 306 1.50 -14.23 8.26
CA VAL B 306 1.32 -14.90 9.54
C VAL B 306 1.28 -16.40 9.30
N ASP B 307 2.09 -17.14 10.04
CA ASP B 307 2.19 -18.57 9.85
C ASP B 307 0.91 -19.26 10.28
N PRO B 308 0.13 -19.84 9.35
CA PRO B 308 -1.14 -20.48 9.74
C PRO B 308 -0.98 -21.76 10.58
N LYS B 309 0.22 -22.32 10.71
CA LYS B 309 0.36 -23.47 11.60
C LYS B 309 0.65 -23.06 13.03
N LYS B 310 0.78 -21.75 13.28
CA LYS B 310 1.01 -21.22 14.61
C LYS B 310 -0.12 -20.34 15.10
N HIS B 311 -0.88 -19.74 14.20
CA HIS B 311 -1.97 -18.84 14.55
C HIS B 311 -3.21 -19.14 13.72
N TYR B 312 -4.32 -18.54 14.13
CA TYR B 312 -5.63 -18.75 13.56
C TYR B 312 -6.04 -17.51 12.78
N ILE B 313 -6.39 -17.68 11.50
CA ILE B 313 -6.73 -16.58 10.61
C ILE B 313 -8.17 -16.70 10.19
N ILE B 314 -8.97 -15.66 10.46
CA ILE B 314 -10.36 -15.56 10.01
C ILE B 314 -10.42 -14.48 8.94
N THR B 315 -11.10 -14.77 7.83
CA THR B 315 -11.12 -13.87 6.68
C THR B 315 -12.54 -13.68 6.14
N SER B 316 -12.88 -12.44 5.80
CA SER B 316 -14.17 -12.19 5.15
C SER B 316 -14.06 -10.88 4.36
N SER B 317 -15.16 -10.47 3.76
CA SER B 317 -15.18 -9.14 3.17
C SER B 317 -15.21 -8.09 4.27
N HIS B 318 -15.01 -6.85 3.86
CA HIS B 318 -14.96 -5.72 4.76
C HIS B 318 -16.36 -5.35 5.23
N PRO B 319 -16.50 -4.91 6.50
CA PRO B 319 -17.83 -4.55 7.00
C PRO B 319 -18.39 -3.26 6.44
N SER B 320 -17.63 -2.48 5.70
CA SER B 320 -18.17 -1.26 5.15
C SER B 320 -19.39 -1.57 4.27
N PRO B 321 -20.33 -0.64 4.13
CA PRO B 321 -21.57 -0.97 3.41
C PRO B 321 -21.36 -1.35 1.96
N TYR B 322 -20.21 -1.03 1.37
CA TYR B 322 -19.90 -1.35 -0.02
C TYR B 322 -19.54 -2.80 -0.23
N SER B 323 -19.20 -3.53 0.82
CA SER B 323 -18.72 -4.89 0.68
C SER B 323 -19.30 -5.85 1.70
N VAL B 324 -20.06 -5.35 2.68
CA VAL B 324 -20.53 -6.15 3.81
C VAL B 324 -21.36 -7.35 3.36
N SER B 325 -22.05 -7.22 2.23
CA SER B 325 -22.90 -8.31 1.75
C SER B 325 -22.34 -9.00 0.51
N ASN B 326 -21.12 -8.66 0.09
CA ASN B 326 -20.48 -9.31 -1.04
C ASN B 326 -19.36 -10.22 -0.56
N THR B 327 -19.12 -11.30 -1.32
CA THR B 327 -17.91 -12.08 -1.11
C THR B 327 -16.71 -11.21 -1.44
N MET B 328 -15.53 -11.67 -1.01
CA MET B 328 -14.28 -10.97 -1.29
C MET B 328 -13.28 -11.96 -1.89
N THR B 329 -12.73 -11.63 -3.05
CA THR B 329 -11.80 -12.54 -3.71
C THR B 329 -10.39 -12.00 -3.56
N SER B 330 -9.46 -12.88 -3.17
CA SER B 330 -8.11 -12.44 -2.83
C SER B 330 -7.12 -13.56 -3.13
N MET B 331 -5.96 -13.16 -3.61
CA MET B 331 -4.92 -14.08 -4.03
C MET B 331 -4.07 -14.48 -2.84
N SER B 332 -3.71 -15.76 -2.77
CA SER B 332 -2.75 -16.22 -1.78
C SER B 332 -1.37 -16.20 -2.42
N TYR B 333 -0.51 -15.31 -1.94
CA TYR B 333 0.79 -15.17 -2.57
C TYR B 333 1.62 -16.43 -2.36
N GLY B 334 2.63 -16.60 -3.21
CA GLY B 334 3.61 -17.63 -2.96
C GLY B 334 3.97 -18.51 -4.14
N PRO B 335 4.43 -19.73 -3.84
CA PRO B 335 5.00 -20.57 -4.90
C PRO B 335 3.97 -21.10 -5.88
N ASN B 336 2.72 -21.23 -5.45
CA ASN B 336 1.62 -21.70 -6.29
C ASN B 336 0.44 -20.76 -6.13
N PRO B 337 0.58 -19.51 -6.60
CA PRO B 337 -0.40 -18.47 -6.24
C PRO B 337 -1.75 -18.73 -6.88
N LYS B 338 -2.81 -18.65 -6.07
CA LYS B 338 -4.17 -18.93 -6.52
C LYS B 338 -5.13 -17.97 -5.82
N LYS B 339 -6.22 -17.64 -6.49
CA LYS B 339 -7.23 -16.78 -5.91
C LYS B 339 -8.23 -17.61 -5.12
N VAL B 340 -8.68 -17.08 -3.99
CA VAL B 340 -9.70 -17.73 -3.19
C VAL B 340 -10.81 -16.73 -2.95
N THR B 341 -12.07 -17.20 -2.96
CA THR B 341 -13.23 -16.34 -2.77
C THR B 341 -13.77 -16.61 -1.37
N TYR B 342 -13.53 -15.69 -0.47
CA TYR B 342 -13.84 -15.61 0.94
C TYR B 342 -15.23 -15.03 1.17
N PRO B 343 -15.91 -15.47 2.22
CA PRO B 343 -17.32 -15.12 2.41
C PRO B 343 -17.53 -13.66 2.78
N SER B 344 -18.79 -13.25 2.71
CA SER B 344 -19.20 -11.88 3.01
C SER B 344 -19.19 -11.66 4.52
N PHE B 345 -18.92 -10.41 4.91
CA PHE B 345 -18.87 -10.08 6.33
C PHE B 345 -20.15 -10.48 7.04
N ASN B 346 -21.31 -10.15 6.48
CA ASN B 346 -22.52 -10.37 7.28
C ASN B 346 -22.86 -11.84 7.43
N SER B 347 -22.25 -12.73 6.65
CA SER B 347 -22.56 -14.15 6.73
C SER B 347 -21.69 -14.91 7.72
N VAL B 348 -20.67 -14.27 8.31
CA VAL B 348 -19.69 -14.96 9.14
C VAL B 348 -19.84 -14.54 10.59
N ASP B 349 -19.75 -15.53 11.48
CA ASP B 349 -19.79 -15.30 12.93
C ASP B 349 -18.36 -15.11 13.46
N HIS B 350 -17.80 -13.94 13.15
CA HIS B 350 -16.40 -13.66 13.50
C HIS B 350 -16.17 -13.83 14.99
N PHE B 351 -17.07 -13.28 15.80
CA PHE B 351 -16.81 -13.15 17.22
C PHE B 351 -17.09 -14.46 17.94
N GLY B 352 -18.07 -15.22 17.47
CA GLY B 352 -18.22 -16.59 17.93
C GLY B 352 -17.01 -17.44 17.61
N LYS B 353 -16.41 -17.23 16.43
CA LYS B 353 -15.21 -18.01 16.06
C LYS B 353 -14.03 -17.63 16.92
N ILE B 354 -13.82 -16.33 17.17
CA ILE B 354 -12.78 -15.91 18.11
C ILE B 354 -12.99 -16.62 19.44
N ASN B 355 -14.21 -16.52 19.98
CA ASN B 355 -14.42 -16.98 21.35
C ASN B 355 -14.38 -18.51 21.43
N GLU B 356 -14.74 -19.20 20.34
CA GLU B 356 -14.61 -20.66 20.30
C GLU B 356 -13.15 -21.06 20.27
N HIS B 357 -12.33 -20.34 19.51
CA HIS B 357 -10.91 -20.65 19.52
C HIS B 357 -10.31 -20.44 20.92
N LEU B 358 -10.53 -19.26 21.49
CA LEU B 358 -9.99 -18.97 22.82
C LEU B 358 -10.44 -20.01 23.84
N LYS B 359 -11.73 -20.38 23.82
CA LYS B 359 -12.22 -21.39 24.76
C LYS B 359 -11.61 -22.75 24.49
N SER B 360 -11.39 -23.10 23.22
CA SER B 360 -10.71 -24.35 22.89
C SER B 360 -9.29 -24.37 23.45
N ARG B 361 -8.68 -23.21 23.70
CA ARG B 361 -7.40 -23.20 24.41
C ARG B 361 -7.56 -22.82 25.87
N ASN B 362 -8.77 -22.94 26.43
CA ASN B 362 -9.01 -22.71 27.85
C ASN B 362 -8.51 -21.34 28.31
N LYS B 363 -8.69 -20.35 27.44
CA LYS B 363 -8.38 -18.97 27.78
C LYS B 363 -9.67 -18.20 28.03
N LYS B 364 -9.53 -17.12 28.78
CA LYS B 364 -10.66 -16.25 29.10
C LYS B 364 -11.29 -15.69 27.82
N PRO B 365 -12.59 -15.86 27.62
CA PRO B 365 -13.23 -15.28 26.43
C PRO B 365 -13.23 -13.76 26.52
N ILE B 366 -13.59 -13.14 25.40
CA ILE B 366 -13.78 -11.69 25.34
C ILE B 366 -15.27 -11.42 25.42
N PHE B 367 -15.67 -10.50 26.29
CA PHE B 367 -17.08 -10.19 26.47
C PHE B 367 -17.41 -9.00 25.59
N TRP B 368 -18.03 -9.29 24.43
CA TRP B 368 -18.22 -8.31 23.36
C TRP B 368 -19.29 -7.30 23.71
N ASP B 369 -20.19 -7.64 24.62
CA ASP B 369 -21.29 -6.76 24.96
C ASP B 369 -21.01 -5.97 26.24
N LEU B 370 -20.89 -6.66 27.36
CA LEU B 370 -20.71 -6.03 28.68
C LEU B 370 -21.69 -4.88 28.97
#